data_1ZGB
#
_entry.id   1ZGB
#
_cell.length_a   111.449
_cell.length_b   111.449
_cell.length_c   137.095
_cell.angle_alpha   90.00
_cell.angle_beta   90.00
_cell.angle_gamma   120.00
#
_symmetry.space_group_name_H-M   'P 31 2 1'
#
loop_
_entity.id
_entity.type
_entity.pdbx_description
1 polymer Acetylcholinesterase
2 non-polymer 2-acetamido-2-deoxy-beta-D-glucopyranose
3 non-polymer (5R)-5-{[10-(1,2,3,4-TETRAHYDROACRIDIN-9-YLAMINO)DECYL]AMINO}-5,6,7,8-TETRAHYDROQUINOLIN-2(1H)-ONE
4 water water
#
_entity_poly.entity_id   1
_entity_poly.type   'polypeptide(L)'
_entity_poly.pdbx_seq_one_letter_code
;DDHSELLVNTKSGKVMGTRVPVLSSHISAFLGIPFAEPPVGNMRFRRPEPKKPWSGVWNASTYPNNCQQYVDEQFPGFSG
SEMWNPNREMSEDCLYLNIWVPSPRPKSTTVMVWIYGGGFYSGSSTLDVYNGKYLAYTEEVVLVSLSYRVGAFGFLALHG
SQEAPGNVGLLDQRMALQWVHDNIQFFGGDPKTVTIFGESAGGASVGMHILSPGSRDLFRRAILQSGSPNCPWASVSVAE
GRRRAVELGRNLNCNLNSDEELIHCLREKKPQELIDVEWNVLPFDSIFRFSFVPVIDGEFFPTSLESMLNSGNFKKTQIL
LGVNKDEGSFFLLYGAPGFSKDSESKISREDFMSGVKLSVPHANDLGLDAVTLQYTDWMDDNNGIKNRDGLDDIVGDHNV
ICPLMHFVNKYTKFGNGTYLYFFNHRASNLVWPEWMGVIHGYEIEFVFGLPLVKELNYTAEEEALSRRIMHYWATFAKTG
NPNEPHSQESKWPLFTTKEQKFIDLNTEPMKVHQRLRVQMCVFWNQFLPKLLNATACDGELSS
;
_entity_poly.pdbx_strand_id   A
#
loop_
_chem_comp.id
_chem_comp.type
_chem_comp.name
_chem_comp.formula
A1E non-polymer (5R)-5-{[10-(1,2,3,4-TETRAHYDROACRIDIN-9-YLAMINO)DECYL]AMINO}-5,6,7,8-TETRAHYDROQUINOLIN-2(1H)-ONE 'C32 H44 N4 O'
NAG D-saccharide, beta linking 2-acetamido-2-deoxy-beta-D-glucopyranose 'C8 H15 N O6'
#
# COMPACT_ATOMS: atom_id res chain seq x y z
N SER A 4 -11.29 -29.06 -18.77
CA SER A 4 -9.86 -28.78 -18.38
C SER A 4 -9.68 -27.87 -17.15
N GLU A 5 -8.68 -28.18 -16.34
CA GLU A 5 -8.37 -27.43 -15.16
C GLU A 5 -7.95 -25.98 -15.46
N LEU A 6 -7.46 -25.71 -16.67
CA LEU A 6 -7.01 -24.37 -17.02
C LEU A 6 -8.05 -23.54 -17.72
N LEU A 7 -9.23 -24.10 -17.94
CA LEU A 7 -10.27 -23.37 -18.62
C LEU A 7 -11.35 -23.00 -17.61
N VAL A 8 -11.68 -21.72 -17.54
CA VAL A 8 -12.70 -21.31 -16.60
C VAL A 8 -13.69 -20.39 -17.26
N ASN A 9 -14.94 -20.67 -17.00
CA ASN A 9 -16.02 -19.88 -17.56
C ASN A 9 -16.54 -18.84 -16.58
N THR A 10 -16.30 -17.56 -16.87
CA THR A 10 -16.75 -16.52 -15.97
C THR A 10 -17.93 -15.81 -16.60
N LYS A 11 -18.54 -14.91 -15.83
CA LYS A 11 -19.68 -14.10 -16.28
C LYS A 11 -19.22 -13.14 -17.37
N SER A 12 -17.91 -12.95 -17.52
CA SER A 12 -17.39 -12.04 -18.54
C SER A 12 -16.95 -12.81 -19.81
N GLY A 13 -16.83 -14.13 -19.69
CA GLY A 13 -16.38 -14.94 -20.80
C GLY A 13 -15.47 -16.03 -20.30
N LYS A 14 -14.95 -16.88 -21.20
CA LYS A 14 -14.05 -17.99 -20.82
C LYS A 14 -12.63 -17.46 -20.79
N VAL A 15 -11.84 -18.00 -19.92
CA VAL A 15 -10.49 -17.55 -19.75
C VAL A 15 -9.68 -18.84 -19.67
N MET A 16 -8.49 -18.83 -20.24
CA MET A 16 -7.59 -20.00 -20.25
C MET A 16 -6.31 -19.65 -19.55
N GLY A 17 -6.03 -20.41 -18.49
CA GLY A 17 -4.84 -20.17 -17.73
C GLY A 17 -3.64 -20.95 -18.23
N THR A 18 -2.64 -21.03 -17.35
CA THR A 18 -1.39 -21.72 -17.63
C THR A 18 -0.94 -22.40 -16.38
N ARG A 19 -0.29 -23.54 -16.52
CA ARG A 19 0.18 -24.31 -15.38
C ARG A 19 1.57 -23.81 -14.98
N VAL A 20 1.81 -23.54 -13.69
CA VAL A 20 3.10 -23.02 -13.26
C VAL A 20 3.69 -23.89 -12.16
N PRO A 21 5.03 -24.07 -12.18
CA PRO A 21 5.70 -24.89 -11.16
C PRO A 21 5.94 -24.04 -9.91
N VAL A 22 5.87 -24.70 -8.74
CA VAL A 22 6.05 -24.07 -7.43
C VAL A 22 6.60 -25.09 -6.48
N LEU A 23 7.77 -24.84 -5.90
CA LEU A 23 8.35 -25.75 -4.90
C LEU A 23 8.20 -27.26 -5.27
N SER A 24 8.63 -27.59 -6.48
CA SER A 24 8.59 -28.95 -7.05
C SER A 24 7.18 -29.55 -7.27
N SER A 25 6.16 -28.68 -7.31
CA SER A 25 4.78 -29.09 -7.60
C SER A 25 4.25 -28.10 -8.63
N HIS A 26 2.92 -27.94 -8.72
CA HIS A 26 2.35 -27.03 -9.74
C HIS A 26 0.97 -26.47 -9.35
N ILE A 27 0.60 -25.32 -9.93
CA ILE A 27 -0.70 -24.72 -9.70
C ILE A 27 -1.10 -24.05 -11.00
N SER A 28 -2.33 -23.57 -11.05
CA SER A 28 -2.79 -22.93 -12.27
C SER A 28 -2.69 -21.42 -12.03
N ALA A 29 -2.42 -20.67 -13.08
CA ALA A 29 -2.37 -19.23 -12.94
C ALA A 29 -3.17 -18.66 -14.06
N PHE A 30 -3.98 -17.66 -13.75
CA PHE A 30 -4.77 -17.00 -14.76
C PHE A 30 -4.27 -15.57 -14.67
N LEU A 31 -3.35 -15.23 -15.53
CA LEU A 31 -2.74 -13.93 -15.52
C LEU A 31 -3.39 -13.02 -16.54
N GLY A 32 -3.50 -11.74 -16.18
CA GLY A 32 -4.05 -10.76 -17.11
C GLY A 32 -5.53 -10.79 -17.46
N ILE A 33 -6.42 -11.10 -16.52
CA ILE A 33 -7.85 -11.12 -16.81
C ILE A 33 -8.29 -9.64 -16.71
N PRO A 34 -8.96 -9.11 -17.75
CA PRO A 34 -9.40 -7.71 -17.72
C PRO A 34 -10.66 -7.53 -16.85
N PHE A 35 -10.76 -6.45 -16.09
CA PHE A 35 -11.97 -6.30 -15.25
C PHE A 35 -12.64 -4.98 -15.52
N ALA A 36 -12.03 -4.20 -16.41
CA ALA A 36 -12.56 -2.90 -16.74
C ALA A 36 -12.20 -2.60 -18.19
N GLU A 37 -12.94 -1.69 -18.80
CA GLU A 37 -12.62 -1.26 -20.13
C GLU A 37 -11.34 -0.43 -19.99
N PRO A 38 -10.41 -0.51 -20.96
CA PRO A 38 -9.15 0.25 -20.94
C PRO A 38 -9.52 1.75 -20.74
N PRO A 39 -8.91 2.41 -19.74
CA PRO A 39 -9.23 3.82 -19.51
C PRO A 39 -8.34 4.75 -20.31
N VAL A 40 -8.52 4.68 -21.63
CA VAL A 40 -7.75 5.44 -22.61
C VAL A 40 -8.57 6.50 -23.36
N GLY A 41 -7.87 7.39 -24.05
CA GLY A 41 -8.50 8.45 -24.81
C GLY A 41 -9.35 9.29 -23.88
N ASN A 42 -10.59 9.49 -24.28
CA ASN A 42 -11.49 10.27 -23.47
C ASN A 42 -11.87 9.64 -22.13
N MET A 43 -11.50 8.39 -21.92
N MET A 43 -11.46 8.40 -21.93
CA MET A 43 -11.82 7.79 -20.62
CA MET A 43 -11.75 7.73 -20.67
C MET A 43 -10.71 8.07 -19.59
C MET A 43 -10.67 7.99 -19.62
N ARG A 44 -9.58 8.65 -20.03
CA ARG A 44 -8.49 8.96 -19.07
C ARG A 44 -9.07 9.91 -18.02
N PHE A 45 -8.79 9.62 -16.76
CA PHE A 45 -9.27 10.38 -15.60
C PHE A 45 -10.69 10.04 -15.20
N ARG A 46 -11.40 9.31 -16.06
CA ARG A 46 -12.77 8.91 -15.73
C ARG A 46 -12.91 7.67 -14.85
N ARG A 47 -14.08 7.56 -14.20
CA ARG A 47 -14.41 6.39 -13.41
C ARG A 47 -14.26 5.16 -14.34
N PRO A 48 -13.87 4.03 -13.77
CA PRO A 48 -13.74 2.85 -14.62
C PRO A 48 -15.14 2.35 -15.04
N GLU A 49 -15.21 1.73 -16.21
CA GLU A 49 -16.43 1.09 -16.73
C GLU A 49 -16.09 -0.45 -16.73
N PRO A 50 -17.07 -1.31 -16.42
CA PRO A 50 -16.89 -2.76 -16.39
C PRO A 50 -16.49 -3.32 -17.75
N LYS A 51 -15.65 -4.35 -17.78
CA LYS A 51 -15.20 -4.91 -19.07
C LYS A 51 -16.39 -5.53 -19.84
N LYS A 52 -16.53 -5.21 -21.14
CA LYS A 52 -17.62 -5.80 -21.91
C LYS A 52 -17.31 -7.28 -22.08
N PRO A 53 -18.30 -8.13 -21.82
CA PRO A 53 -18.05 -9.58 -21.98
C PRO A 53 -17.50 -9.86 -23.39
N TRP A 54 -16.67 -10.87 -23.50
CA TRP A 54 -16.09 -11.25 -24.80
C TRP A 54 -16.51 -12.67 -25.14
N SER A 55 -16.60 -12.97 -26.43
CA SER A 55 -16.91 -14.35 -26.81
C SER A 55 -15.53 -14.98 -27.07
N GLY A 56 -15.47 -16.30 -27.20
CA GLY A 56 -14.16 -16.90 -27.41
C GLY A 56 -13.44 -17.13 -26.07
N VAL A 57 -12.14 -17.42 -26.16
CA VAL A 57 -11.35 -17.72 -24.97
C VAL A 57 -10.26 -16.68 -24.71
N TRP A 58 -10.24 -16.11 -23.49
CA TRP A 58 -9.24 -15.09 -23.17
C TRP A 58 -7.98 -15.83 -22.73
N ASN A 59 -6.87 -15.48 -23.37
CA ASN A 59 -5.58 -16.09 -23.08
C ASN A 59 -5.07 -15.37 -21.82
N ALA A 60 -5.05 -16.06 -20.68
CA ALA A 60 -4.57 -15.55 -19.39
C ALA A 60 -3.32 -16.33 -19.04
N SER A 61 -2.39 -16.45 -19.97
CA SER A 61 -1.19 -17.22 -19.67
C SER A 61 0.00 -16.32 -19.37
N THR A 62 -0.12 -15.01 -19.66
CA THR A 62 1.00 -14.09 -19.38
C THR A 62 0.60 -12.81 -18.61
N TYR A 63 1.54 -12.26 -17.84
CA TYR A 63 1.25 -11.02 -17.11
C TYR A 63 0.81 -9.87 -18.02
N PRO A 64 -0.07 -9.00 -17.51
CA PRO A 64 -0.56 -7.85 -18.26
C PRO A 64 0.47 -6.69 -18.18
N ASN A 65 0.20 -5.61 -18.91
CA ASN A 65 0.98 -4.43 -18.83
C ASN A 65 0.83 -3.82 -17.40
N ASN A 66 1.77 -2.97 -17.01
CA ASN A 66 1.71 -2.28 -15.73
C ASN A 66 1.21 -0.86 -16.08
N CYS A 67 0.54 -0.19 -15.15
CA CYS A 67 0.05 1.16 -15.42
C CYS A 67 1.19 2.14 -15.57
N GLN A 68 0.91 3.26 -16.25
CA GLN A 68 1.92 4.29 -16.50
C GLN A 68 2.33 4.90 -15.17
N GLN A 69 3.64 4.95 -14.92
CA GLN A 69 4.16 5.48 -13.66
C GLN A 69 5.60 6.02 -13.75
N TYR A 70 5.95 6.84 -12.76
CA TYR A 70 7.32 7.33 -12.65
C TYR A 70 8.20 6.09 -12.40
N VAL A 71 9.38 6.03 -13.03
CA VAL A 71 10.26 4.89 -12.87
C VAL A 71 11.53 5.28 -12.10
N ASP A 72 11.87 4.48 -11.09
CA ASP A 72 13.05 4.73 -10.26
C ASP A 72 14.32 4.42 -11.03
N GLU A 73 15.18 5.43 -11.18
CA GLU A 73 16.47 5.29 -11.84
C GLU A 73 17.65 5.69 -10.92
N GLN A 74 17.39 5.86 -9.62
CA GLN A 74 18.46 6.23 -8.68
C GLN A 74 19.64 5.26 -8.64
N PHE A 75 19.39 3.96 -8.73
CA PHE A 75 20.43 2.92 -8.67
C PHE A 75 20.25 1.92 -9.81
N PRO A 76 20.53 2.34 -11.07
CA PRO A 76 20.38 1.50 -12.25
C PRO A 76 20.92 0.11 -12.00
N GLY A 77 20.07 -0.89 -12.21
CA GLY A 77 20.52 -2.26 -12.00
C GLY A 77 20.64 -2.78 -10.56
N PHE A 78 20.53 -1.92 -9.57
CA PHE A 78 20.62 -2.38 -8.18
C PHE A 78 19.33 -3.18 -7.94
N SER A 79 19.43 -4.43 -7.52
CA SER A 79 18.22 -5.23 -7.32
C SER A 79 17.32 -4.65 -6.21
N GLY A 80 17.94 -4.01 -5.22
CA GLY A 80 17.18 -3.45 -4.10
C GLY A 80 16.09 -2.48 -4.54
N SER A 81 16.39 -1.67 -5.54
CA SER A 81 15.43 -0.70 -6.04
C SER A 81 14.67 -1.17 -7.28
N GLU A 82 15.32 -1.94 -8.14
CA GLU A 82 14.62 -2.35 -9.35
C GLU A 82 13.53 -3.38 -9.14
N MET A 83 13.58 -4.10 -8.02
CA MET A 83 12.54 -5.07 -7.71
C MET A 83 11.17 -4.38 -7.49
N TRP A 84 11.14 -3.03 -7.40
CA TRP A 84 9.90 -2.27 -7.21
C TRP A 84 9.37 -1.61 -8.50
N ASN A 85 10.24 -1.52 -9.50
CA ASN A 85 9.92 -0.90 -10.79
C ASN A 85 9.07 -1.83 -11.65
N PRO A 86 8.33 -1.27 -12.59
CA PRO A 86 7.47 -2.05 -13.50
C PRO A 86 8.41 -3.10 -14.19
N ASN A 87 7.97 -4.35 -14.29
CA ASN A 87 8.80 -5.35 -14.95
C ASN A 87 8.07 -5.80 -16.23
N ARG A 88 7.09 -5.00 -16.65
CA ARG A 88 6.38 -5.27 -17.91
C ARG A 88 6.34 -3.93 -18.58
N GLU A 89 5.89 -3.88 -19.83
CA GLU A 89 5.79 -2.64 -20.53
C GLU A 89 4.67 -1.83 -19.84
N MET A 90 4.79 -0.52 -19.83
CA MET A 90 3.74 0.29 -19.23
C MET A 90 2.72 0.64 -20.29
N SER A 91 1.49 0.83 -19.86
CA SER A 91 0.44 1.23 -20.78
C SER A 91 -0.76 1.78 -20.03
N GLU A 92 -1.47 2.76 -20.59
CA GLU A 92 -2.69 3.19 -19.88
C GLU A 92 -3.70 2.01 -19.87
N ASP A 93 -3.50 1.07 -20.80
CA ASP A 93 -4.37 -0.12 -20.87
C ASP A 93 -3.75 -1.07 -19.87
N CYS A 94 -4.18 -0.96 -18.61
CA CYS A 94 -3.56 -1.74 -17.55
C CYS A 94 -4.52 -2.28 -16.51
N LEU A 95 -5.81 -2.19 -16.76
CA LEU A 95 -6.69 -2.69 -15.74
C LEU A 95 -6.98 -4.18 -15.78
N TYR A 96 -6.06 -4.95 -15.21
CA TYR A 96 -6.16 -6.40 -15.16
C TYR A 96 -5.92 -6.98 -13.76
N LEU A 97 -6.35 -8.22 -13.57
CA LEU A 97 -6.13 -8.92 -12.33
C LEU A 97 -5.49 -10.29 -12.61
N ASN A 98 -4.83 -10.83 -11.60
CA ASN A 98 -4.15 -12.10 -11.67
C ASN A 98 -4.68 -13.05 -10.60
N ILE A 99 -4.88 -14.33 -10.96
CA ILE A 99 -5.35 -15.34 -10.03
C ILE A 99 -4.48 -16.62 -9.93
N TRP A 100 -4.09 -17.03 -8.74
CA TRP A 100 -3.33 -18.26 -8.60
C TRP A 100 -4.28 -19.19 -7.89
N VAL A 101 -4.52 -20.35 -8.51
CA VAL A 101 -5.47 -21.32 -7.99
C VAL A 101 -4.83 -22.68 -7.67
N PRO A 102 -5.02 -23.17 -6.42
CA PRO A 102 -4.44 -24.49 -6.07
C PRO A 102 -4.84 -25.56 -7.12
N SER A 103 -4.03 -26.62 -7.20
CA SER A 103 -4.30 -27.72 -8.10
C SER A 103 -4.26 -29.00 -7.30
N PRO A 104 -5.35 -29.79 -7.34
CA PRO A 104 -6.61 -29.58 -8.08
C PRO A 104 -7.46 -28.35 -7.64
N ARG A 105 -8.24 -27.80 -8.58
CA ARG A 105 -9.11 -26.63 -8.34
C ARG A 105 -9.96 -26.81 -7.10
N PRO A 106 -9.88 -25.88 -6.12
CA PRO A 106 -10.69 -26.03 -4.90
C PRO A 106 -12.15 -25.87 -5.30
N LYS A 107 -13.03 -26.23 -4.38
CA LYS A 107 -14.46 -26.10 -4.62
C LYS A 107 -14.93 -24.73 -4.09
N SER A 108 -14.53 -24.38 -2.88
CA SER A 108 -14.99 -23.13 -2.30
C SER A 108 -14.08 -22.77 -1.16
N THR A 109 -12.91 -22.25 -1.50
CA THR A 109 -11.95 -21.93 -0.48
C THR A 109 -11.65 -20.42 -0.23
N THR A 110 -10.93 -20.16 0.85
CA THR A 110 -10.52 -18.81 1.25
C THR A 110 -9.84 -18.05 0.11
N VAL A 111 -10.28 -16.82 -0.11
CA VAL A 111 -9.72 -15.96 -1.13
C VAL A 111 -8.95 -14.77 -0.48
N MET A 112 -7.79 -14.40 -1.05
CA MET A 112 -6.94 -13.27 -0.60
C MET A 112 -6.67 -12.39 -1.83
N VAL A 113 -6.97 -11.09 -1.68
CA VAL A 113 -6.80 -10.14 -2.77
C VAL A 113 -5.77 -9.11 -2.34
N TRP A 114 -4.68 -9.07 -3.09
CA TRP A 114 -3.57 -8.20 -2.82
C TRP A 114 -3.70 -6.88 -3.57
N ILE A 115 -3.45 -5.80 -2.84
CA ILE A 115 -3.50 -4.45 -3.39
C ILE A 115 -2.12 -3.84 -3.22
N TYR A 116 -1.40 -3.67 -4.33
CA TYR A 116 -0.05 -3.12 -4.21
C TYR A 116 0.04 -1.68 -3.70
N GLY A 117 1.18 -1.37 -3.07
CA GLY A 117 1.47 -0.02 -2.62
C GLY A 117 2.33 0.69 -3.66
N GLY A 118 2.98 1.78 -3.25
CA GLY A 118 3.79 2.57 -4.15
C GLY A 118 3.36 4.06 -4.07
N GLY A 119 2.97 4.52 -2.87
CA GLY A 119 2.56 5.92 -2.68
C GLY A 119 1.47 6.48 -3.60
N PHE A 120 0.68 5.61 -4.21
CA PHE A 120 -0.39 5.98 -5.16
C PHE A 120 0.16 6.59 -6.46
N TYR A 121 1.49 6.59 -6.67
CA TYR A 121 2.02 7.11 -7.94
C TYR A 121 2.73 6.02 -8.74
N SER A 122 2.85 4.83 -8.16
CA SER A 122 3.54 3.74 -8.81
C SER A 122 3.02 2.42 -8.23
N GLY A 123 3.62 1.31 -8.67
CA GLY A 123 3.18 -0.01 -8.24
C GLY A 123 2.73 -0.87 -9.43
N SER A 124 2.91 -2.18 -9.29
CA SER A 124 2.57 -3.15 -10.31
C SER A 124 2.15 -4.42 -9.62
N SER A 125 1.20 -5.14 -10.19
CA SER A 125 0.74 -6.37 -9.60
C SER A 125 1.61 -7.56 -10.02
N THR A 126 2.54 -7.32 -10.93
CA THR A 126 3.37 -8.35 -11.56
C THR A 126 4.77 -8.52 -11.05
N LEU A 127 5.14 -7.76 -10.05
CA LEU A 127 6.48 -7.88 -9.49
C LEU A 127 6.80 -9.25 -8.91
N ASP A 128 8.05 -9.66 -9.02
CA ASP A 128 8.44 -10.96 -8.45
C ASP A 128 8.10 -11.07 -6.93
N VAL A 129 8.26 -9.99 -6.13
CA VAL A 129 7.92 -10.14 -4.70
C VAL A 129 6.42 -10.34 -4.50
N TYR A 130 5.60 -10.05 -5.51
CA TYR A 130 4.15 -10.26 -5.38
C TYR A 130 3.67 -11.56 -6.05
N ASN A 131 4.60 -12.43 -6.48
CA ASN A 131 4.20 -13.71 -7.13
C ASN A 131 3.35 -14.51 -6.14
N GLY A 132 2.06 -14.69 -6.45
CA GLY A 132 1.19 -15.39 -5.50
C GLY A 132 1.17 -16.91 -5.44
N LYS A 133 2.02 -17.55 -6.25
CA LYS A 133 2.02 -19.00 -6.32
C LYS A 133 2.46 -19.67 -5.02
N TYR A 134 3.43 -19.08 -4.31
CA TYR A 134 3.90 -19.70 -3.07
C TYR A 134 2.81 -19.69 -2.00
N LEU A 135 2.13 -18.58 -1.85
CA LEU A 135 1.08 -18.50 -0.83
C LEU A 135 -0.12 -19.35 -1.25
N ALA A 136 -0.56 -19.24 -2.51
CA ALA A 136 -1.71 -20.04 -2.96
C ALA A 136 -1.43 -21.53 -2.71
N TYR A 137 -0.24 -21.95 -3.11
CA TYR A 137 0.15 -23.33 -2.95
C TYR A 137 0.31 -23.75 -1.52
N THR A 138 1.15 -23.06 -0.77
CA THR A 138 1.40 -23.49 0.63
C THR A 138 0.18 -23.44 1.52
N GLU A 139 -0.69 -22.44 1.33
CA GLU A 139 -1.85 -22.34 2.22
C GLU A 139 -3.21 -22.76 1.63
N GLU A 140 -3.21 -23.15 0.36
CA GLU A 140 -4.43 -23.59 -0.33
C GLU A 140 -5.47 -22.49 -0.38
N VAL A 141 -5.02 -21.30 -0.76
CA VAL A 141 -5.96 -20.21 -0.88
C VAL A 141 -5.93 -19.82 -2.35
N VAL A 142 -7.03 -19.20 -2.82
CA VAL A 142 -7.08 -18.66 -4.17
C VAL A 142 -6.56 -17.22 -3.95
N LEU A 143 -5.41 -16.93 -4.55
CA LEU A 143 -4.76 -15.64 -4.41
C LEU A 143 -4.96 -14.72 -5.59
N VAL A 144 -5.55 -13.55 -5.32
CA VAL A 144 -5.78 -12.60 -6.39
C VAL A 144 -4.93 -11.33 -6.18
N SER A 145 -4.35 -10.82 -7.26
CA SER A 145 -3.69 -9.51 -7.19
C SER A 145 -4.36 -8.65 -8.25
N LEU A 146 -4.85 -7.48 -7.83
CA LEU A 146 -5.47 -6.58 -8.79
C LEU A 146 -4.50 -5.42 -9.16
N SER A 147 -4.93 -4.53 -10.03
CA SER A 147 -4.12 -3.36 -10.38
C SER A 147 -5.10 -2.20 -10.35
N TYR A 148 -4.55 -1.00 -10.43
CA TYR A 148 -5.33 0.21 -10.43
C TYR A 148 -4.43 1.34 -10.93
N ARG A 149 -5.07 2.34 -11.54
CA ARG A 149 -4.36 3.50 -12.07
C ARG A 149 -3.73 4.27 -10.92
N VAL A 150 -2.50 4.74 -11.14
CA VAL A 150 -1.79 5.53 -10.16
C VAL A 150 -1.41 6.88 -10.79
N GLY A 151 -0.73 7.75 -10.02
CA GLY A 151 -0.36 9.07 -10.51
C GLY A 151 -1.55 9.92 -10.94
N ALA A 152 -1.30 10.88 -11.83
CA ALA A 152 -2.42 11.73 -12.30
C ALA A 152 -3.55 10.84 -12.91
N PHE A 153 -3.14 9.78 -13.62
CA PHE A 153 -4.11 8.87 -14.25
C PHE A 153 -5.12 8.30 -13.30
N GLY A 154 -4.70 8.01 -12.06
CA GLY A 154 -5.64 7.48 -11.10
C GLY A 154 -6.21 8.47 -10.09
N PHE A 155 -5.56 9.61 -9.91
CA PHE A 155 -6.02 10.48 -8.86
C PHE A 155 -6.15 11.96 -9.13
N LEU A 156 -6.02 12.36 -10.38
CA LEU A 156 -6.18 13.79 -10.71
C LEU A 156 -7.61 14.08 -10.24
N ALA A 157 -7.77 15.12 -9.44
CA ALA A 157 -9.08 15.42 -8.87
C ALA A 157 -9.59 16.87 -9.06
N LEU A 158 -10.65 17.01 -9.85
CA LEU A 158 -11.28 18.32 -10.06
C LEU A 158 -12.69 18.11 -9.54
N HIS A 159 -12.86 18.18 -8.23
CA HIS A 159 -14.17 17.92 -7.61
C HIS A 159 -15.24 18.78 -8.25
N GLY A 160 -16.38 18.16 -8.60
CA GLY A 160 -17.45 18.89 -9.26
C GLY A 160 -17.57 18.45 -10.71
N SER A 161 -16.45 18.06 -11.31
CA SER A 161 -16.44 17.59 -12.69
C SER A 161 -16.70 16.09 -12.69
N GLN A 162 -17.35 15.58 -13.73
CA GLN A 162 -17.59 14.16 -13.77
C GLN A 162 -16.53 13.56 -14.66
N GLU A 163 -15.77 14.41 -15.34
CA GLU A 163 -14.72 13.92 -16.22
C GLU A 163 -13.42 13.48 -15.50
N ALA A 164 -13.10 14.12 -14.37
CA ALA A 164 -11.89 13.78 -13.57
C ALA A 164 -12.33 14.12 -12.14
N PRO A 165 -13.23 13.30 -11.56
CA PRO A 165 -13.77 13.48 -10.21
C PRO A 165 -12.81 13.15 -9.10
N GLY A 166 -11.72 12.45 -9.43
CA GLY A 166 -10.78 12.04 -8.42
C GLY A 166 -11.19 10.64 -7.90
N ASN A 167 -10.27 10.01 -7.17
CA ASN A 167 -10.44 8.69 -6.59
C ASN A 167 -10.68 7.58 -7.62
N VAL A 168 -10.44 7.83 -8.90
CA VAL A 168 -10.78 6.76 -9.82
C VAL A 168 -9.94 5.49 -9.63
N GLY A 169 -8.69 5.67 -9.19
CA GLY A 169 -7.82 4.54 -8.90
C GLY A 169 -8.44 3.71 -7.77
N LEU A 170 -9.13 4.34 -6.84
CA LEU A 170 -9.75 3.53 -5.78
C LEU A 170 -10.97 2.83 -6.42
N LEU A 171 -11.64 3.52 -7.35
CA LEU A 171 -12.80 2.91 -8.04
C LEU A 171 -12.26 1.73 -8.88
N ASP A 172 -11.05 1.83 -9.48
CA ASP A 172 -10.50 0.66 -10.19
C ASP A 172 -10.42 -0.54 -9.17
N GLN A 173 -9.92 -0.27 -7.96
CA GLN A 173 -9.75 -1.34 -6.98
C GLN A 173 -11.10 -1.92 -6.67
N ARG A 174 -12.08 -1.05 -6.47
CA ARG A 174 -13.41 -1.50 -6.14
C ARG A 174 -14.02 -2.40 -7.25
N MET A 175 -13.81 -1.99 -8.52
CA MET A 175 -14.32 -2.76 -9.64
C MET A 175 -13.68 -4.16 -9.68
N ALA A 176 -12.38 -4.27 -9.47
CA ALA A 176 -11.74 -5.60 -9.42
C ALA A 176 -12.37 -6.43 -8.26
N LEU A 177 -12.69 -5.76 -7.15
CA LEU A 177 -13.28 -6.49 -6.02
C LEU A 177 -14.71 -6.93 -6.39
N GLN A 178 -15.37 -6.12 -7.21
CA GLN A 178 -16.73 -6.44 -7.65
C GLN A 178 -16.57 -7.66 -8.53
N TRP A 179 -15.56 -7.66 -9.37
CA TRP A 179 -15.34 -8.81 -10.26
C TRP A 179 -15.04 -10.08 -9.44
N VAL A 180 -14.20 -9.97 -8.41
CA VAL A 180 -13.86 -11.14 -7.56
C VAL A 180 -15.16 -11.66 -6.87
N HIS A 181 -15.90 -10.75 -6.29
CA HIS A 181 -17.16 -11.11 -5.64
C HIS A 181 -18.04 -11.92 -6.62
N ASP A 182 -18.17 -11.41 -7.85
CA ASP A 182 -19.01 -12.01 -8.86
C ASP A 182 -18.51 -13.27 -9.57
N ASN A 183 -17.20 -13.45 -9.67
CA ASN A 183 -16.65 -14.54 -10.42
C ASN A 183 -15.70 -15.50 -9.77
N ILE A 184 -15.19 -15.17 -8.59
CA ILE A 184 -14.21 -16.05 -7.98
C ILE A 184 -14.75 -17.48 -7.70
N GLN A 185 -16.08 -17.65 -7.56
CA GLN A 185 -16.65 -18.98 -7.30
C GLN A 185 -16.22 -19.95 -8.43
N PHE A 186 -16.10 -19.47 -9.67
CA PHE A 186 -15.75 -20.36 -10.79
C PHE A 186 -14.31 -20.86 -10.72
N PHE A 187 -13.48 -20.18 -9.93
CA PHE A 187 -12.09 -20.54 -9.80
C PHE A 187 -11.91 -21.33 -8.54
N GLY A 188 -13.03 -21.67 -7.92
CA GLY A 188 -12.95 -22.40 -6.67
C GLY A 188 -12.86 -21.54 -5.41
N GLY A 189 -13.01 -20.22 -5.56
CA GLY A 189 -12.92 -19.30 -4.43
C GLY A 189 -14.28 -19.08 -3.75
N ASP A 190 -14.27 -18.83 -2.45
CA ASP A 190 -15.50 -18.57 -1.74
C ASP A 190 -15.76 -17.03 -1.67
N PRO A 191 -16.71 -16.51 -2.45
CA PRO A 191 -16.97 -15.07 -2.42
C PRO A 191 -17.39 -14.54 -1.04
N LYS A 192 -17.77 -15.42 -0.12
CA LYS A 192 -18.18 -14.91 1.19
C LYS A 192 -17.00 -14.90 2.17
N THR A 193 -15.84 -15.32 1.68
CA THR A 193 -14.67 -15.34 2.53
C THR A 193 -13.46 -14.66 1.87
N VAL A 194 -13.64 -13.43 1.39
CA VAL A 194 -12.47 -12.78 0.82
C VAL A 194 -11.82 -11.76 1.72
N THR A 195 -10.50 -11.89 1.85
CA THR A 195 -9.70 -10.98 2.63
C THR A 195 -8.94 -10.10 1.68
N ILE A 196 -9.09 -8.77 1.82
CA ILE A 196 -8.26 -7.86 1.00
C ILE A 196 -7.03 -7.53 1.87
N PHE A 197 -5.84 -7.49 1.28
CA PHE A 197 -4.64 -7.18 2.04
C PHE A 197 -3.71 -6.37 1.18
N GLY A 198 -2.96 -5.47 1.79
CA GLY A 198 -2.08 -4.61 0.99
C GLY A 198 -1.03 -3.92 1.84
N GLU A 199 0.02 -3.41 1.19
CA GLU A 199 1.12 -2.77 1.91
C GLU A 199 1.32 -1.34 1.50
N SER A 200 1.62 -0.49 2.49
CA SER A 200 1.88 0.93 2.27
C SER A 200 0.61 1.57 1.64
N ALA A 201 0.71 2.24 0.49
CA ALA A 201 -0.53 2.80 -0.13
C ALA A 201 -1.60 1.67 -0.32
N GLY A 202 -1.16 0.42 -0.46
CA GLY A 202 -2.09 -0.70 -0.55
C GLY A 202 -2.80 -0.98 0.78
N GLY A 203 -2.08 -0.75 1.89
CA GLY A 203 -2.63 -0.93 3.21
C GLY A 203 -3.55 0.26 3.50
N ALA A 204 -3.16 1.45 3.06
CA ALA A 204 -4.03 2.62 3.22
C ALA A 204 -5.34 2.35 2.40
N SER A 205 -5.17 1.85 1.16
CA SER A 205 -6.34 1.52 0.30
C SER A 205 -7.28 0.51 1.04
N VAL A 206 -6.72 -0.56 1.62
CA VAL A 206 -7.53 -1.55 2.32
C VAL A 206 -8.35 -0.78 3.38
N GLY A 207 -7.68 0.05 4.16
CA GLY A 207 -8.42 0.85 5.13
C GLY A 207 -9.47 1.79 4.54
N MET A 208 -9.22 2.26 3.32
CA MET A 208 -10.19 3.13 2.66
C MET A 208 -11.46 2.33 2.23
N HIS A 209 -11.33 1.07 1.85
CA HIS A 209 -12.49 0.28 1.45
C HIS A 209 -13.26 -0.15 2.69
N ILE A 210 -12.57 -0.20 3.82
CA ILE A 210 -13.22 -0.52 5.08
C ILE A 210 -14.10 0.71 5.45
N LEU A 211 -13.62 1.93 5.15
CA LEU A 211 -14.38 3.13 5.47
C LEU A 211 -15.51 3.44 4.47
N SER A 212 -15.20 3.33 3.20
CA SER A 212 -16.15 3.67 2.15
C SER A 212 -17.38 2.76 2.09
N PRO A 213 -18.57 3.33 2.35
CA PRO A 213 -19.86 2.61 2.34
C PRO A 213 -19.98 1.79 1.05
N GLY A 214 -19.57 2.38 -0.07
CA GLY A 214 -19.69 1.68 -1.35
C GLY A 214 -18.77 0.48 -1.55
N SER A 215 -17.79 0.24 -0.69
CA SER A 215 -16.89 -0.90 -0.90
C SER A 215 -17.08 -1.99 0.14
N ARG A 216 -17.62 -1.62 1.29
CA ARG A 216 -17.78 -2.53 2.41
C ARG A 216 -18.35 -3.89 2.19
N ASP A 217 -19.34 -4.00 1.32
CA ASP A 217 -19.99 -5.29 1.17
C ASP A 217 -19.25 -6.24 0.25
N LEU A 218 -18.20 -5.76 -0.43
CA LEU A 218 -17.46 -6.59 -1.36
C LEU A 218 -16.35 -7.45 -0.78
N PHE A 219 -16.15 -7.47 0.54
CA PHE A 219 -15.10 -8.32 1.10
C PHE A 219 -15.43 -8.68 2.56
N ARG A 220 -14.75 -9.68 3.09
CA ARG A 220 -15.05 -10.11 4.43
C ARG A 220 -14.19 -9.52 5.56
N ARG A 221 -12.87 -9.60 5.40
CA ARG A 221 -11.86 -9.20 6.39
C ARG A 221 -10.74 -8.48 5.68
N ALA A 222 -9.87 -7.88 6.49
CA ALA A 222 -8.79 -7.03 5.97
C ALA A 222 -7.48 -7.14 6.73
N ILE A 223 -6.38 -7.00 5.98
CA ILE A 223 -5.03 -7.01 6.50
C ILE A 223 -4.33 -5.73 5.97
N LEU A 224 -3.77 -4.93 6.87
CA LEU A 224 -3.11 -3.68 6.53
C LEU A 224 -1.64 -3.75 6.95
N GLN A 225 -0.73 -3.62 5.99
CA GLN A 225 0.72 -3.71 6.28
C GLN A 225 1.38 -2.35 6.03
N SER A 226 1.85 -1.76 7.13
CA SER A 226 2.56 -0.49 7.11
C SER A 226 1.81 0.58 6.38
N GLY A 227 0.53 0.69 6.63
CA GLY A 227 -0.23 1.75 5.97
C GLY A 227 -1.62 1.76 6.56
N SER A 228 -2.22 2.94 6.59
CA SER A 228 -3.54 3.07 7.11
C SER A 228 -4.19 4.26 6.38
N PRO A 229 -5.53 4.26 6.33
CA PRO A 229 -6.27 5.32 5.62
C PRO A 229 -6.01 6.78 6.01
N ASN A 230 -5.75 7.01 7.29
CA ASN A 230 -5.51 8.33 7.82
C ASN A 230 -4.06 8.79 7.69
N CYS A 231 -3.20 8.06 6.98
CA CYS A 231 -1.81 8.51 6.85
C CYS A 231 -1.79 9.93 6.25
N PRO A 232 -0.85 10.77 6.73
CA PRO A 232 -0.77 12.15 6.24
C PRO A 232 -0.53 12.36 4.76
N TRP A 233 0.08 11.36 4.12
CA TRP A 233 0.38 11.40 2.68
C TRP A 233 -0.70 10.68 1.81
N ALA A 234 -1.69 10.04 2.44
CA ALA A 234 -2.65 9.23 1.71
C ALA A 234 -3.88 9.91 1.17
N SER A 235 -4.12 11.15 1.56
CA SER A 235 -5.28 11.85 1.03
C SER A 235 -5.09 13.36 1.12
N VAL A 236 -5.95 14.11 0.43
CA VAL A 236 -5.91 15.57 0.45
C VAL A 236 -7.35 16.06 0.34
N SER A 237 -7.58 17.33 0.65
CA SER A 237 -8.92 17.90 0.54
C SER A 237 -9.21 18.14 -0.97
N VAL A 238 -10.47 18.42 -1.28
CA VAL A 238 -10.81 18.63 -2.69
C VAL A 238 -10.20 19.90 -3.18
N ALA A 239 -10.04 20.87 -2.27
CA ALA A 239 -9.38 22.14 -2.67
C ALA A 239 -7.91 21.88 -3.02
N GLU A 240 -7.20 21.12 -2.18
CA GLU A 240 -5.79 20.86 -2.47
C GLU A 240 -5.68 20.02 -3.75
N GLY A 241 -6.58 19.03 -3.90
CA GLY A 241 -6.54 18.22 -5.12
C GLY A 241 -6.74 19.10 -6.36
N ARG A 242 -7.62 20.09 -6.24
CA ARG A 242 -7.90 20.98 -7.37
C ARG A 242 -6.66 21.82 -7.71
N ARG A 243 -6.09 22.43 -6.67
CA ARG A 243 -4.89 23.27 -6.79
C ARG A 243 -3.75 22.47 -7.52
N ARG A 244 -3.59 21.19 -7.18
CA ARG A 244 -2.54 20.40 -7.83
C ARG A 244 -2.86 20.08 -9.28
N ALA A 245 -4.13 19.79 -9.58
CA ALA A 245 -4.54 19.51 -10.96
C ALA A 245 -4.28 20.76 -11.83
N VAL A 246 -4.64 21.94 -11.29
CA VAL A 246 -4.44 23.21 -11.99
C VAL A 246 -2.93 23.44 -12.17
N GLU A 247 -2.15 23.18 -11.14
CA GLU A 247 -0.71 23.38 -11.27
C GLU A 247 -0.11 22.37 -12.28
N LEU A 248 -0.67 21.16 -12.36
CA LEU A 248 -0.17 20.19 -13.35
C LEU A 248 -0.42 20.78 -14.74
N GLY A 249 -1.65 21.28 -14.94
CA GLY A 249 -2.00 21.91 -16.20
C GLY A 249 -1.08 23.10 -16.50
N ARG A 250 -0.84 23.93 -15.49
CA ARG A 250 0.03 25.08 -15.69
C ARG A 250 1.45 24.67 -16.15
N ASN A 251 1.95 23.51 -15.69
CA ASN A 251 3.29 22.97 -16.06
C ASN A 251 3.36 22.46 -17.51
N LEU A 252 2.19 22.15 -18.07
CA LEU A 252 2.11 21.65 -19.46
C LEU A 252 1.49 22.68 -20.42
N ASN A 253 1.46 23.94 -19.99
CA ASN A 253 0.94 25.05 -20.80
C ASN A 253 -0.49 24.79 -21.21
N CYS A 254 -1.33 24.44 -20.25
CA CYS A 254 -2.71 24.18 -20.57
C CYS A 254 -3.51 25.43 -20.41
N ASN A 255 -4.61 25.47 -21.14
CA ASN A 255 -5.56 26.56 -21.03
C ASN A 255 -6.18 26.26 -19.65
N LEU A 256 -6.19 27.22 -18.73
CA LEU A 256 -6.77 26.96 -17.42
C LEU A 256 -8.08 27.67 -17.11
N ASN A 257 -8.85 28.05 -18.14
CA ASN A 257 -10.09 28.80 -17.92
C ASN A 257 -11.32 28.06 -17.38
N SER A 258 -11.38 26.74 -17.59
CA SER A 258 -12.47 25.92 -17.13
C SER A 258 -11.96 24.49 -16.94
N ASP A 259 -12.67 23.72 -16.10
CA ASP A 259 -12.30 22.33 -15.89
C ASP A 259 -12.23 21.62 -17.24
N GLU A 260 -13.24 21.85 -18.08
CA GLU A 260 -13.30 21.21 -19.39
C GLU A 260 -12.08 21.52 -20.23
N GLU A 261 -11.66 22.78 -20.21
CA GLU A 261 -10.46 23.16 -20.99
C GLU A 261 -9.23 22.40 -20.44
N LEU A 262 -9.03 22.45 -19.11
CA LEU A 262 -7.90 21.79 -18.42
C LEU A 262 -7.88 20.27 -18.69
N ILE A 263 -9.01 19.62 -18.47
CA ILE A 263 -9.09 18.18 -18.69
C ILE A 263 -8.82 17.82 -20.14
N HIS A 264 -9.37 18.60 -21.08
CA HIS A 264 -9.17 18.30 -22.49
C HIS A 264 -7.69 18.36 -22.83
N CYS A 265 -7.03 19.43 -22.37
CA CYS A 265 -5.59 19.59 -22.59
C CYS A 265 -4.81 18.40 -21.98
N LEU A 266 -5.11 18.06 -20.71
CA LEU A 266 -4.41 16.95 -20.03
C LEU A 266 -4.63 15.62 -20.76
N ARG A 267 -5.77 15.48 -21.44
CA ARG A 267 -6.03 14.26 -22.16
C ARG A 267 -5.32 14.13 -23.47
N GLU A 268 -4.82 15.25 -24.00
CA GLU A 268 -4.11 15.20 -25.29
C GLU A 268 -2.64 14.90 -25.07
N LYS A 269 -2.18 14.97 -23.82
CA LYS A 269 -0.77 14.74 -23.52
C LYS A 269 -0.42 13.25 -23.51
N LYS A 270 0.79 12.94 -23.96
CA LYS A 270 1.22 11.55 -23.94
C LYS A 270 1.46 11.22 -22.45
N PRO A 271 1.29 9.95 -22.04
CA PRO A 271 1.49 9.57 -20.63
C PRO A 271 2.80 10.14 -20.01
N GLN A 272 3.94 9.93 -20.65
CA GLN A 272 5.21 10.42 -20.10
C GLN A 272 5.32 11.95 -19.88
N GLU A 273 4.49 12.74 -20.58
CA GLU A 273 4.52 14.20 -20.35
C GLU A 273 3.91 14.52 -19.01
N LEU A 274 2.89 13.77 -18.60
CA LEU A 274 2.28 13.96 -17.30
C LEU A 274 3.29 13.49 -16.23
N ILE A 275 3.86 12.31 -16.40
CA ILE A 275 4.82 11.80 -15.44
C ILE A 275 6.08 12.72 -15.33
N ASP A 276 6.51 13.33 -16.42
CA ASP A 276 7.66 14.21 -16.38
C ASP A 276 7.54 15.42 -15.43
N VAL A 277 6.33 15.93 -15.18
CA VAL A 277 6.15 17.14 -14.32
C VAL A 277 5.37 16.86 -13.02
N GLU A 278 4.94 15.61 -12.86
CA GLU A 278 4.14 15.17 -11.70
C GLU A 278 4.66 15.68 -10.35
N TRP A 279 5.97 15.56 -10.14
CA TRP A 279 6.54 15.97 -8.88
C TRP A 279 6.59 17.48 -8.68
N ASN A 280 6.39 18.29 -9.73
CA ASN A 280 6.40 19.77 -9.57
C ASN A 280 5.17 20.39 -8.87
N VAL A 281 4.13 19.60 -8.60
CA VAL A 281 2.95 20.21 -7.98
C VAL A 281 2.83 20.08 -6.48
N LEU A 282 3.81 19.46 -5.84
CA LEU A 282 3.78 19.32 -4.38
C LEU A 282 3.79 20.72 -3.81
N PRO A 283 2.97 21.00 -2.80
CA PRO A 283 2.99 22.37 -2.25
C PRO A 283 4.23 22.72 -1.45
N PHE A 284 4.84 21.73 -0.78
CA PHE A 284 6.01 21.96 0.04
C PHE A 284 7.24 21.12 -0.32
N ASP A 285 8.41 21.58 0.11
CA ASP A 285 9.67 20.86 -0.07
C ASP A 285 9.38 19.74 0.92
N SER A 286 9.37 18.51 0.48
CA SER A 286 8.96 17.56 1.46
C SER A 286 9.44 16.19 1.14
N ILE A 287 9.27 15.31 2.11
CA ILE A 287 9.65 13.91 1.97
C ILE A 287 8.40 13.07 2.33
N PHE A 288 8.23 11.92 1.69
CA PHE A 288 7.08 11.07 1.96
C PHE A 288 5.74 11.76 1.62
N ARG A 289 5.69 12.46 0.49
CA ARG A 289 4.47 13.15 0.04
C ARG A 289 4.41 12.85 -1.46
N PHE A 290 3.21 12.56 -1.94
CA PHE A 290 3.03 12.20 -3.33
C PHE A 290 2.00 13.13 -3.93
N SER A 291 2.14 13.44 -5.19
CA SER A 291 1.25 14.41 -5.85
C SER A 291 -0.27 14.13 -5.96
N PHE A 292 -0.61 12.97 -6.52
CA PHE A 292 -2.01 12.59 -6.74
C PHE A 292 -2.41 11.41 -5.91
N VAL A 293 -3.21 11.70 -4.91
CA VAL A 293 -3.66 10.72 -4.01
C VAL A 293 -5.17 10.89 -3.84
N PRO A 294 -5.82 9.97 -3.11
CA PRO A 294 -7.26 10.03 -2.84
C PRO A 294 -7.70 11.42 -2.29
N VAL A 295 -8.93 11.82 -2.57
CA VAL A 295 -9.51 13.08 -2.09
C VAL A 295 -10.70 12.78 -1.23
N ILE A 296 -10.83 13.56 -0.17
CA ILE A 296 -11.93 13.46 0.77
C ILE A 296 -13.01 14.23 -0.03
N ASP A 297 -13.78 13.48 -0.80
CA ASP A 297 -14.76 14.09 -1.71
C ASP A 297 -16.23 14.10 -1.29
N GLY A 298 -16.60 13.53 -0.15
CA GLY A 298 -18.02 13.52 0.17
C GLY A 298 -18.81 12.36 -0.48
N GLU A 299 -18.20 11.58 -1.38
CA GLU A 299 -18.85 10.44 -2.05
C GLU A 299 -18.19 9.10 -1.65
N PHE A 300 -16.98 8.84 -2.16
CA PHE A 300 -16.24 7.63 -1.77
C PHE A 300 -16.07 7.70 -0.20
N PHE A 301 -15.71 8.88 0.32
CA PHE A 301 -15.55 9.09 1.76
C PHE A 301 -16.70 10.09 2.06
N PRO A 302 -17.75 9.65 2.78
CA PRO A 302 -18.84 10.62 3.03
C PRO A 302 -18.53 11.87 3.85
N THR A 303 -17.64 11.75 4.84
CA THR A 303 -17.20 12.89 5.64
C THR A 303 -15.70 12.69 5.89
N SER A 304 -15.13 13.56 6.72
CA SER A 304 -13.71 13.45 6.99
C SER A 304 -13.35 12.07 7.61
N LEU A 305 -12.15 11.59 7.30
CA LEU A 305 -11.75 10.30 7.79
C LEU A 305 -11.85 10.21 9.32
N GLU A 306 -11.40 11.27 10.01
CA GLU A 306 -11.45 11.31 11.46
C GLU A 306 -12.88 11.24 12.02
N SER A 307 -13.85 11.95 11.43
CA SER A 307 -15.19 11.84 12.03
C SER A 307 -15.78 10.45 11.75
N MET A 308 -15.43 9.88 10.61
CA MET A 308 -15.89 8.53 10.30
C MET A 308 -15.29 7.58 11.34
N LEU A 309 -14.01 7.74 11.66
CA LEU A 309 -13.42 6.84 12.66
C LEU A 309 -14.06 7.04 14.02
N ASN A 310 -14.31 8.30 14.38
CA ASN A 310 -14.91 8.62 15.65
C ASN A 310 -16.29 8.09 15.86
N SER A 311 -17.11 8.16 14.80
CA SER A 311 -18.49 7.70 14.89
C SER A 311 -18.72 6.24 14.54
N GLY A 312 -17.65 5.49 14.29
CA GLY A 312 -17.83 4.08 13.92
C GLY A 312 -18.45 3.88 12.55
N ASN A 313 -18.36 4.90 11.72
CA ASN A 313 -18.91 4.81 10.38
C ASN A 313 -17.92 4.03 9.47
N PHE A 314 -17.93 2.70 9.60
CA PHE A 314 -17.04 1.85 8.82
C PHE A 314 -17.37 0.36 8.97
N LYS A 315 -16.87 -0.45 8.04
CA LYS A 315 -17.14 -1.85 8.10
C LYS A 315 -16.62 -2.44 9.41
N LYS A 316 -17.47 -3.18 10.10
CA LYS A 316 -17.06 -3.83 11.32
C LYS A 316 -16.78 -5.32 11.05
N THR A 317 -15.52 -5.74 11.21
CA THR A 317 -15.15 -7.11 10.95
C THR A 317 -13.83 -7.23 11.71
N GLN A 318 -13.02 -8.24 11.39
CA GLN A 318 -11.71 -8.43 12.02
C GLN A 318 -10.60 -7.84 11.10
N ILE A 319 -9.51 -7.40 11.70
CA ILE A 319 -8.41 -6.86 10.92
C ILE A 319 -7.14 -7.35 11.59
N LEU A 320 -6.11 -7.51 10.77
CA LEU A 320 -4.79 -7.89 11.21
C LEU A 320 -3.89 -6.87 10.48
N LEU A 321 -3.04 -6.19 11.24
CA LEU A 321 -2.19 -5.15 10.68
C LEU A 321 -0.95 -4.97 11.55
N GLY A 322 0.02 -4.22 11.02
CA GLY A 322 1.25 -4.00 11.72
C GLY A 322 2.19 -3.10 10.96
N VAL A 323 3.39 -2.92 11.55
CA VAL A 323 4.39 -2.04 10.98
C VAL A 323 5.79 -2.66 11.07
N ASN A 324 6.73 -2.08 10.35
CA ASN A 324 8.13 -2.52 10.40
C ASN A 324 8.92 -1.51 11.27
N LYS A 325 10.06 -1.95 11.80
CA LYS A 325 10.87 -1.13 12.68
C LYS A 325 11.40 0.17 12.10
N ASP A 326 11.79 0.18 10.81
CA ASP A 326 12.36 1.40 10.23
C ASP A 326 11.63 1.86 8.96
N GLU A 327 10.33 2.08 9.12
CA GLU A 327 9.50 2.49 8.00
C GLU A 327 10.13 3.68 7.25
N GLY A 328 10.72 4.64 7.97
CA GLY A 328 11.19 5.82 7.28
C GLY A 328 12.51 5.80 6.52
N SER A 329 13.35 4.81 6.74
CA SER A 329 14.67 4.92 6.13
C SER A 329 14.78 5.13 4.63
N PHE A 330 13.96 4.45 3.83
CA PHE A 330 14.21 4.67 2.41
C PHE A 330 13.77 6.05 1.91
N PHE A 331 12.81 6.66 2.60
CA PHE A 331 12.40 7.99 2.18
C PHE A 331 13.49 9.00 2.48
N LEU A 332 14.33 8.76 3.49
CA LEU A 332 15.42 9.69 3.80
C LEU A 332 16.56 9.46 2.79
N LEU A 333 16.84 8.20 2.46
CA LEU A 333 17.87 7.85 1.48
C LEU A 333 17.60 8.60 0.18
N TYR A 334 16.36 8.47 -0.28
CA TYR A 334 15.95 9.07 -1.53
C TYR A 334 15.69 10.58 -1.46
N GLY A 335 15.38 11.15 -0.31
CA GLY A 335 15.12 12.56 -0.38
C GLY A 335 15.70 13.54 0.62
N ALA A 336 16.52 13.12 1.58
CA ALA A 336 17.04 14.08 2.54
C ALA A 336 18.56 14.23 2.45
N PRO A 337 19.07 15.47 2.58
CA PRO A 337 20.50 15.69 2.50
C PRO A 337 21.29 14.96 3.57
N GLY A 338 22.43 14.40 3.15
CA GLY A 338 23.32 13.69 4.06
C GLY A 338 23.18 12.19 4.09
N PHE A 339 22.15 11.69 3.43
CA PHE A 339 21.90 10.25 3.42
C PHE A 339 22.34 9.68 2.10
N SER A 340 23.00 8.53 2.11
CA SER A 340 23.38 7.94 0.83
C SER A 340 23.48 6.42 0.97
N LYS A 341 23.33 5.75 -0.17
CA LYS A 341 23.29 4.32 -0.14
C LYS A 341 24.55 3.62 0.35
N ASP A 342 25.68 4.15 -0.06
CA ASP A 342 26.95 3.52 0.28
C ASP A 342 27.73 4.07 1.47
N SER A 343 27.08 4.82 2.35
CA SER A 343 27.82 5.26 3.53
C SER A 343 26.89 4.99 4.69
N GLU A 344 27.44 5.03 5.90
CA GLU A 344 26.68 4.78 7.09
C GLU A 344 25.70 5.94 7.36
N SER A 345 25.84 7.01 6.59
CA SER A 345 24.94 8.16 6.68
C SER A 345 24.80 8.81 8.07
N LYS A 346 25.92 9.15 8.69
CA LYS A 346 25.91 9.80 9.99
C LYS A 346 25.53 11.23 9.64
N ILE A 347 24.54 11.73 10.36
CA ILE A 347 23.95 13.03 10.07
C ILE A 347 24.43 14.14 11.01
N SER A 348 24.80 15.29 10.46
CA SER A 348 25.22 16.43 11.28
C SER A 348 23.95 17.05 11.91
N ARG A 349 24.09 17.92 12.87
CA ARG A 349 22.93 18.52 13.46
C ARG A 349 22.28 19.40 12.41
N GLU A 350 23.07 19.94 11.47
CA GLU A 350 22.48 20.78 10.44
C GLU A 350 21.59 19.94 9.55
N ASP A 351 22.08 18.77 9.12
CA ASP A 351 21.27 17.92 8.24
C ASP A 351 20.07 17.31 8.98
N PHE A 352 20.20 17.13 10.28
CA PHE A 352 19.07 16.63 11.06
C PHE A 352 17.95 17.65 10.97
N MET A 353 18.33 18.90 11.18
CA MET A 353 17.30 19.94 11.19
C MET A 353 16.68 20.20 9.84
N SER A 354 17.48 20.17 8.78
CA SER A 354 16.83 20.37 7.50
C SER A 354 15.94 19.09 7.19
N GLY A 355 16.35 17.93 7.75
CA GLY A 355 15.60 16.68 7.65
C GLY A 355 14.23 16.78 8.37
N VAL A 356 14.18 17.39 9.56
CA VAL A 356 12.88 17.49 10.20
C VAL A 356 11.94 18.42 9.46
N LYS A 357 12.48 19.49 8.88
CA LYS A 357 11.70 20.47 8.08
C LYS A 357 11.03 19.73 6.86
N LEU A 358 11.83 18.93 6.19
CA LEU A 358 11.39 18.13 5.07
C LEU A 358 10.34 17.08 5.50
N SER A 359 10.45 16.54 6.73
CA SER A 359 9.55 15.49 7.20
C SER A 359 8.19 15.94 7.72
N VAL A 360 8.08 17.18 8.14
CA VAL A 360 6.79 17.62 8.67
C VAL A 360 6.60 18.94 7.97
N PRO A 361 6.43 18.87 6.64
CA PRO A 361 6.28 20.02 5.73
C PRO A 361 5.25 21.07 6.09
N HIS A 362 4.15 20.60 6.68
CA HIS A 362 3.04 21.46 7.08
C HIS A 362 3.24 22.19 8.46
N ALA A 363 4.39 22.04 9.11
CA ALA A 363 4.59 22.65 10.43
C ALA A 363 5.23 24.04 10.50
N ASN A 364 4.77 24.88 11.45
CA ASN A 364 5.40 26.18 11.68
C ASN A 364 6.69 25.95 12.49
N ASP A 365 7.40 27.04 12.78
CA ASP A 365 8.65 26.96 13.51
C ASP A 365 8.52 26.33 14.91
N LEU A 366 7.45 26.66 15.61
CA LEU A 366 7.20 26.13 16.93
C LEU A 366 7.04 24.58 16.82
N GLY A 367 6.31 24.13 15.79
CA GLY A 367 6.10 22.72 15.55
C GLY A 367 7.42 22.02 15.23
N LEU A 368 8.25 22.64 14.39
CA LEU A 368 9.55 22.06 14.08
C LEU A 368 10.40 21.95 15.34
N ASP A 369 10.30 22.94 16.25
CA ASP A 369 11.04 22.90 17.51
C ASP A 369 10.49 21.74 18.40
N ALA A 370 9.17 21.54 18.41
CA ALA A 370 8.61 20.46 19.22
C ALA A 370 9.09 19.11 18.70
N VAL A 371 9.17 18.90 17.39
CA VAL A 371 9.63 17.60 16.88
C VAL A 371 11.11 17.41 17.23
N THR A 372 11.92 18.43 16.90
CA THR A 372 13.35 18.42 17.16
C THR A 372 13.68 18.10 18.64
N LEU A 373 13.03 18.78 19.57
CA LEU A 373 13.25 18.50 20.96
C LEU A 373 12.89 17.06 21.34
N GLN A 374 11.76 16.57 20.81
CA GLN A 374 11.27 15.21 21.09
C GLN A 374 12.21 14.08 20.65
N TYR A 375 13.00 14.34 19.63
CA TYR A 375 13.88 13.33 19.05
C TYR A 375 15.39 13.57 19.25
N THR A 376 15.76 14.59 20.00
CA THR A 376 17.17 14.84 20.20
C THR A 376 17.61 14.42 21.59
N ASP A 377 18.73 13.73 21.67
CA ASP A 377 19.31 13.37 22.97
C ASP A 377 20.28 14.59 23.21
N TRP A 378 19.89 15.52 24.10
CA TRP A 378 20.70 16.71 24.37
C TRP A 378 21.99 16.52 25.16
N MET A 379 22.29 15.30 25.56
N MET A 379 22.27 15.28 25.54
CA MET A 379 23.55 15.07 26.25
CA MET A 379 23.50 14.99 26.25
C MET A 379 24.55 14.66 25.17
C MET A 379 24.48 14.43 25.21
N ASP A 380 24.08 14.48 23.93
CA ASP A 380 24.94 13.97 22.86
C ASP A 380 24.40 14.38 21.50
N ASP A 381 24.16 15.68 21.35
CA ASP A 381 23.55 16.21 20.15
C ASP A 381 24.31 16.11 18.85
N ASN A 382 25.63 15.93 18.92
CA ASN A 382 26.39 15.82 17.67
C ASN A 382 26.72 14.36 17.36
N ASN A 383 26.03 13.44 18.02
CA ASN A 383 26.26 12.04 17.71
C ASN A 383 25.59 11.79 16.33
N GLY A 384 26.41 11.58 15.29
CA GLY A 384 25.93 11.34 13.94
C GLY A 384 24.98 10.16 13.81
N ILE A 385 25.24 9.08 14.54
CA ILE A 385 24.41 7.88 14.48
C ILE A 385 23.02 8.16 15.08
N LYS A 386 23.01 8.93 16.17
CA LYS A 386 21.77 9.26 16.86
C LYS A 386 20.94 10.23 16.06
N ASN A 387 21.62 11.15 15.37
CA ASN A 387 20.89 12.08 14.55
C ASN A 387 20.22 11.29 13.39
N ARG A 388 20.98 10.38 12.77
CA ARG A 388 20.47 9.58 11.64
C ARG A 388 19.29 8.71 12.09
N ASP A 389 19.45 8.00 13.21
CA ASP A 389 18.38 7.17 13.72
C ASP A 389 17.14 7.95 14.19
N GLY A 390 17.38 9.13 14.76
CA GLY A 390 16.28 9.97 15.22
C GLY A 390 15.43 10.44 14.06
N LEU A 391 16.07 10.83 12.96
CA LEU A 391 15.40 11.28 11.75
C LEU A 391 14.58 10.09 11.14
N ASP A 392 15.21 8.92 11.09
CA ASP A 392 14.58 7.72 10.59
C ASP A 392 13.29 7.51 11.40
N ASP A 393 13.37 7.50 12.74
CA ASP A 393 12.17 7.34 13.55
C ASP A 393 11.11 8.43 13.32
N ILE A 394 11.55 9.68 13.14
CA ILE A 394 10.59 10.74 12.88
C ILE A 394 9.80 10.43 11.61
N VAL A 395 10.48 10.07 10.54
CA VAL A 395 9.78 9.81 9.32
C VAL A 395 8.80 8.64 9.49
N GLY A 396 9.30 7.53 10.06
CA GLY A 396 8.47 6.37 10.28
C GLY A 396 7.32 6.59 11.26
N ASP A 397 7.58 7.28 12.37
CA ASP A 397 6.50 7.48 13.33
C ASP A 397 5.40 8.38 12.76
N HIS A 398 5.79 9.49 12.16
CA HIS A 398 4.82 10.42 11.61
C HIS A 398 4.03 9.89 10.40
N ASN A 399 4.70 9.17 9.52
CA ASN A 399 4.07 8.72 8.30
C ASN A 399 3.40 7.38 8.32
N VAL A 400 3.84 6.49 9.20
CA VAL A 400 3.29 5.14 9.18
C VAL A 400 2.85 4.63 10.53
N ILE A 401 3.77 4.57 11.47
CA ILE A 401 3.42 4.03 12.78
C ILE A 401 2.32 4.72 13.56
N CYS A 402 2.51 6.00 13.88
CA CYS A 402 1.50 6.69 14.67
C CYS A 402 0.13 6.77 13.96
N PRO A 403 0.09 6.99 12.61
CA PRO A 403 -1.21 7.03 11.94
C PRO A 403 -1.85 5.64 12.12
N LEU A 404 -1.06 4.56 11.94
CA LEU A 404 -1.62 3.23 12.09
C LEU A 404 -2.13 2.97 13.55
N MET A 405 -1.37 3.43 14.55
CA MET A 405 -1.79 3.22 15.93
C MET A 405 -3.09 3.99 16.20
N HIS A 406 -3.22 5.16 15.62
CA HIS A 406 -4.45 5.92 15.81
C HIS A 406 -5.62 5.16 15.12
N PHE A 407 -5.40 4.67 13.89
CA PHE A 407 -6.46 3.92 13.23
C PHE A 407 -6.82 2.68 14.04
N VAL A 408 -5.80 1.96 14.57
CA VAL A 408 -6.15 0.74 15.28
C VAL A 408 -6.89 0.96 16.60
N ASN A 409 -6.54 2.01 17.31
CA ASN A 409 -7.25 2.27 18.55
C ASN A 409 -8.66 2.77 18.21
N LYS A 410 -8.83 3.51 17.14
CA LYS A 410 -10.19 3.93 16.83
C LYS A 410 -11.02 2.74 16.31
N TYR A 411 -10.38 1.88 15.51
CA TYR A 411 -11.11 0.77 14.93
C TYR A 411 -11.57 -0.24 15.95
N THR A 412 -10.65 -0.61 16.83
CA THR A 412 -10.90 -1.62 17.82
C THR A 412 -12.11 -1.33 18.72
N LYS A 413 -12.40 -0.06 18.94
CA LYS A 413 -13.55 0.27 19.74
C LYS A 413 -14.86 -0.28 19.11
N PHE A 414 -14.96 -0.34 17.78
CA PHE A 414 -16.16 -0.85 17.14
C PHE A 414 -16.03 -2.16 16.37
N GLY A 415 -14.80 -2.60 16.13
CA GLY A 415 -14.58 -3.79 15.34
C GLY A 415 -14.86 -5.14 15.98
N ASN A 416 -14.64 -6.19 15.23
CA ASN A 416 -14.94 -7.49 15.77
C ASN A 416 -13.70 -8.33 16.01
N GLY A 417 -12.53 -7.68 16.07
CA GLY A 417 -11.30 -8.42 16.32
C GLY A 417 -10.07 -7.81 15.64
N THR A 418 -9.04 -7.52 16.44
CA THR A 418 -7.84 -6.90 15.93
C THR A 418 -6.58 -7.70 16.36
N TYR A 419 -5.66 -7.94 15.41
CA TYR A 419 -4.37 -8.58 15.69
C TYR A 419 -3.31 -7.61 15.14
N LEU A 420 -2.42 -7.19 16.03
CA LEU A 420 -1.36 -6.22 15.73
C LEU A 420 0.07 -6.80 15.77
N TYR A 421 0.89 -6.41 14.82
CA TYR A 421 2.26 -6.93 14.83
C TYR A 421 3.34 -5.85 14.61
N PHE A 422 4.55 -6.17 15.04
CA PHE A 422 5.70 -5.31 14.87
C PHE A 422 6.76 -6.20 14.23
N PHE A 423 7.02 -5.99 12.94
CA PHE A 423 8.01 -6.79 12.20
C PHE A 423 9.39 -6.13 12.28
N ASN A 424 10.32 -6.83 12.96
CA ASN A 424 11.65 -6.28 13.16
C ASN A 424 12.76 -7.24 12.82
N HIS A 425 12.53 -8.07 11.79
CA HIS A 425 13.62 -8.95 11.39
C HIS A 425 14.36 -8.36 10.19
N ARG A 426 15.65 -8.19 10.33
CA ARG A 426 16.48 -7.70 9.23
C ARG A 426 16.98 -8.97 8.48
N ALA A 427 16.56 -9.15 7.24
CA ALA A 427 16.92 -10.30 6.43
C ALA A 427 18.44 -10.43 6.18
N SER A 428 18.90 -11.68 6.31
CA SER A 428 20.31 -12.03 6.17
C SER A 428 20.88 -11.67 4.81
N ASN A 429 20.06 -11.75 3.77
CA ASN A 429 20.50 -11.43 2.40
C ASN A 429 20.15 -10.01 1.94
N LEU A 430 19.86 -9.09 2.87
CA LEU A 430 19.48 -7.73 2.44
C LEU A 430 20.59 -7.01 1.66
N VAL A 431 20.24 -6.41 0.52
CA VAL A 431 21.27 -5.72 -0.25
C VAL A 431 21.41 -4.26 0.14
N TRP A 432 20.48 -3.74 0.93
CA TRP A 432 20.55 -2.33 1.37
C TRP A 432 21.49 -2.17 2.58
N PRO A 433 22.13 -1.00 2.73
CA PRO A 433 23.03 -0.83 3.86
C PRO A 433 22.34 -1.04 5.20
N GLU A 434 23.17 -1.31 6.19
CA GLU A 434 22.76 -1.58 7.55
C GLU A 434 21.96 -0.46 8.22
N TRP A 435 22.38 0.77 8.00
CA TRP A 435 21.69 1.90 8.64
C TRP A 435 20.18 1.95 8.29
N MET A 436 19.77 1.32 7.19
CA MET A 436 18.37 1.36 6.84
C MET A 436 17.48 0.43 7.66
N GLY A 437 18.09 -0.49 8.41
CA GLY A 437 17.33 -1.41 9.26
C GLY A 437 16.28 -2.32 8.61
N VAL A 438 15.10 -2.40 9.21
CA VAL A 438 14.00 -3.19 8.71
C VAL A 438 13.13 -2.18 7.90
N ILE A 439 13.43 -2.17 6.60
CA ILE A 439 12.90 -1.27 5.61
C ILE A 439 11.43 -1.42 5.24
N HIS A 440 10.82 -0.29 4.86
CA HIS A 440 9.44 -0.22 4.43
C HIS A 440 9.35 -1.14 3.24
N GLY A 441 8.45 -2.11 3.32
CA GLY A 441 8.22 -3.05 2.23
C GLY A 441 8.88 -4.40 2.36
N TYR A 442 9.81 -4.55 3.30
CA TYR A 442 10.54 -5.78 3.40
C TYR A 442 9.96 -6.90 4.20
N GLU A 443 8.71 -6.72 4.67
CA GLU A 443 8.03 -7.85 5.30
C GLU A 443 7.26 -8.58 4.16
N ILE A 444 7.02 -7.89 3.03
CA ILE A 444 6.25 -8.47 1.95
C ILE A 444 6.81 -9.84 1.46
N GLU A 445 8.12 -9.89 1.25
CA GLU A 445 8.78 -11.11 0.79
C GLU A 445 8.53 -12.29 1.76
N PHE A 446 8.35 -11.99 3.04
CA PHE A 446 8.05 -13.04 3.97
C PHE A 446 6.57 -13.39 3.85
N VAL A 447 5.73 -12.40 3.55
CA VAL A 447 4.32 -12.69 3.44
C VAL A 447 4.06 -13.52 2.18
N PHE A 448 4.81 -13.25 1.10
CA PHE A 448 4.65 -13.99 -0.13
C PHE A 448 5.48 -15.27 -0.23
N GLY A 449 6.19 -15.61 0.85
CA GLY A 449 6.94 -16.84 0.90
C GLY A 449 8.23 -16.99 0.12
N LEU A 450 8.87 -15.91 -0.29
CA LEU A 450 10.14 -15.97 -1.02
C LEU A 450 11.24 -16.76 -0.28
N PRO A 451 11.26 -16.73 1.05
CA PRO A 451 12.31 -17.50 1.72
C PRO A 451 12.18 -19.02 1.56
N LEU A 452 11.05 -19.53 1.05
CA LEU A 452 10.95 -20.96 0.86
C LEU A 452 11.74 -21.38 -0.40
N VAL A 453 12.14 -20.45 -1.27
CA VAL A 453 12.92 -20.88 -2.45
C VAL A 453 14.45 -20.72 -2.22
N LYS A 454 15.08 -21.89 -2.08
CA LYS A 454 16.52 -22.07 -1.83
C LYS A 454 17.45 -21.11 -2.57
N GLU A 455 17.25 -20.94 -3.87
CA GLU A 455 18.08 -20.03 -4.66
C GLU A 455 18.13 -18.58 -4.13
N LEU A 456 17.12 -18.14 -3.39
CA LEU A 456 17.13 -16.76 -2.90
C LEU A 456 18.02 -16.58 -1.67
N ASN A 457 18.59 -17.67 -1.20
CA ASN A 457 19.54 -17.58 -0.11
C ASN A 457 19.06 -17.05 1.24
N TYR A 458 17.94 -17.50 1.76
CA TYR A 458 17.55 -17.03 3.09
C TYR A 458 18.03 -18.12 4.05
N THR A 459 18.00 -17.84 5.34
CA THR A 459 18.41 -18.83 6.31
C THR A 459 17.23 -19.73 6.58
N ALA A 460 17.49 -20.87 7.19
CA ALA A 460 16.44 -21.81 7.53
C ALA A 460 15.47 -21.16 8.53
N GLU A 461 15.97 -20.32 9.42
CA GLU A 461 15.05 -19.70 10.36
C GLU A 461 14.18 -18.63 9.61
N GLU A 462 14.70 -18.07 8.52
CA GLU A 462 13.93 -17.12 7.75
C GLU A 462 12.82 -17.84 7.01
N GLU A 463 13.10 -19.08 6.59
CA GLU A 463 12.09 -19.87 5.89
C GLU A 463 11.02 -20.21 6.89
N ALA A 464 11.44 -20.58 8.10
CA ALA A 464 10.46 -20.90 9.12
C ALA A 464 9.61 -19.68 9.48
N LEU A 465 10.21 -18.49 9.48
CA LEU A 465 9.46 -17.26 9.81
C LEU A 465 8.43 -17.00 8.68
N SER A 466 8.88 -17.16 7.45
CA SER A 466 7.99 -16.96 6.33
C SER A 466 6.82 -17.92 6.45
N ARG A 467 7.07 -19.18 6.76
CA ARG A 467 5.97 -20.13 6.88
C ARG A 467 5.01 -19.79 7.99
N ARG A 468 5.49 -19.37 9.17
CA ARG A 468 4.46 -18.99 10.14
C ARG A 468 3.70 -17.70 9.74
N ILE A 469 4.34 -16.74 9.08
CA ILE A 469 3.60 -15.55 8.69
C ILE A 469 2.50 -15.89 7.67
N MET A 470 2.87 -16.68 6.67
CA MET A 470 1.90 -17.09 5.66
C MET A 470 0.73 -17.83 6.26
N HIS A 471 1.03 -18.66 7.28
CA HIS A 471 -0.02 -19.45 7.89
C HIS A 471 -0.86 -18.57 8.80
N TYR A 472 -0.23 -17.57 9.40
CA TYR A 472 -0.99 -16.62 10.21
C TYR A 472 -1.93 -15.82 9.26
N TRP A 473 -1.37 -15.33 8.15
CA TRP A 473 -2.20 -14.51 7.26
C TRP A 473 -3.37 -15.31 6.68
N ALA A 474 -3.10 -16.52 6.20
CA ALA A 474 -4.13 -17.37 5.60
C ALA A 474 -5.11 -17.90 6.63
N THR A 475 -4.63 -18.23 7.82
CA THR A 475 -5.54 -18.71 8.86
C THR A 475 -6.43 -17.54 9.29
N PHE A 476 -5.86 -16.33 9.37
CA PHE A 476 -6.69 -15.17 9.69
C PHE A 476 -7.73 -14.93 8.52
N ALA A 477 -7.28 -15.05 7.27
CA ALA A 477 -8.20 -14.82 6.14
C ALA A 477 -9.34 -15.82 6.18
N LYS A 478 -9.03 -17.06 6.60
CA LYS A 478 -10.07 -18.06 6.64
C LYS A 478 -11.03 -17.99 7.82
N THR A 479 -10.50 -17.63 8.99
CA THR A 479 -11.32 -17.59 10.19
C THR A 479 -11.51 -16.28 10.95
N GLY A 480 -10.69 -15.28 10.66
CA GLY A 480 -10.79 -14.03 11.43
C GLY A 480 -9.88 -14.11 12.65
N ASN A 481 -9.01 -15.14 12.72
CA ASN A 481 -8.08 -15.37 13.83
C ASN A 481 -6.81 -16.02 13.26
N PRO A 482 -5.64 -15.36 13.40
CA PRO A 482 -4.41 -15.96 12.85
C PRO A 482 -3.96 -17.26 13.54
N ASN A 483 -4.50 -17.53 14.72
CA ASN A 483 -4.12 -18.69 15.48
C ASN A 483 -4.86 -19.96 15.11
N GLU A 484 -4.11 -21.03 15.12
CA GLU A 484 -4.63 -22.38 14.86
C GLU A 484 -5.23 -22.82 16.24
N PRO A 485 -6.54 -23.14 16.30
CA PRO A 485 -7.24 -23.57 17.53
C PRO A 485 -6.41 -24.21 18.69
N SER A 490 1.87 -21.40 20.46
CA SER A 490 2.16 -20.07 21.07
C SER A 490 1.21 -18.99 20.47
N LYS A 491 0.37 -18.38 21.31
CA LYS A 491 -0.68 -17.44 20.87
C LYS A 491 -0.46 -15.94 20.62
N TRP A 492 -0.94 -15.49 19.45
CA TRP A 492 -0.89 -14.09 19.06
C TRP A 492 -2.11 -13.60 19.77
N PRO A 493 -1.94 -12.78 20.82
CA PRO A 493 -3.17 -12.36 21.49
C PRO A 493 -3.93 -11.27 20.75
N LEU A 494 -5.23 -11.22 21.00
CA LEU A 494 -6.10 -10.22 20.41
C LEU A 494 -5.69 -8.83 20.98
N PHE A 495 -5.71 -7.81 20.13
CA PHE A 495 -5.42 -6.44 20.54
C PHE A 495 -6.76 -5.95 21.08
N THR A 496 -6.80 -5.43 22.30
CA THR A 496 -8.06 -4.92 22.84
C THR A 496 -7.86 -3.48 23.27
N THR A 497 -8.96 -2.76 23.41
CA THR A 497 -8.93 -1.35 23.82
C THR A 497 -8.15 -1.15 25.12
N LYS A 498 -8.40 -2.07 26.06
CA LYS A 498 -7.78 -2.01 27.37
C LYS A 498 -6.32 -2.43 27.41
N GLU A 499 -6.04 -3.63 26.92
CA GLU A 499 -4.69 -4.17 26.96
C GLU A 499 -3.69 -3.74 25.87
N GLN A 500 -4.20 -3.47 24.67
CA GLN A 500 -3.38 -3.05 23.52
C GLN A 500 -2.14 -3.92 23.19
N LYS A 501 -2.29 -5.23 23.33
CA LYS A 501 -1.20 -6.17 23.07
C LYS A 501 -0.86 -6.31 21.58
N PHE A 502 0.39 -6.63 21.31
CA PHE A 502 0.82 -6.88 19.93
C PHE A 502 1.99 -7.85 20.10
N ILE A 503 2.45 -8.44 19.00
CA ILE A 503 3.59 -9.35 19.06
C ILE A 503 4.69 -8.85 18.14
N ASP A 504 5.92 -9.30 18.39
CA ASP A 504 7.00 -8.95 17.50
C ASP A 504 6.92 -10.12 16.53
N LEU A 505 7.34 -9.88 15.30
CA LEU A 505 7.31 -10.90 14.26
C LEU A 505 8.75 -10.98 13.77
N ASN A 506 9.45 -12.02 14.20
CA ASN A 506 10.86 -12.20 13.83
C ASN A 506 11.27 -13.67 14.04
N THR A 507 12.56 -13.97 14.08
CA THR A 507 12.99 -15.37 14.23
C THR A 507 13.15 -15.90 15.66
N GLU A 508 12.97 -15.02 16.64
CA GLU A 508 13.07 -15.33 18.07
C GLU A 508 11.71 -15.83 18.49
N PRO A 509 11.62 -16.42 19.71
CA PRO A 509 10.35 -16.93 20.24
C PRO A 509 9.42 -15.76 20.47
N MET A 510 8.17 -15.90 20.06
CA MET A 510 7.18 -14.86 20.20
C MET A 510 7.23 -14.16 21.54
N LYS A 511 7.25 -12.82 21.54
CA LYS A 511 7.19 -12.04 22.78
C LYS A 511 5.96 -11.13 22.57
N VAL A 512 5.15 -10.94 23.59
CA VAL A 512 3.97 -10.10 23.52
C VAL A 512 4.31 -8.80 24.25
N HIS A 513 3.91 -7.66 23.69
CA HIS A 513 4.15 -6.38 24.36
C HIS A 513 2.87 -5.56 24.36
N GLN A 514 2.97 -4.35 24.89
CA GLN A 514 1.81 -3.51 24.93
C GLN A 514 2.11 -2.08 24.52
N ARG A 515 1.10 -1.42 23.99
CA ARG A 515 1.19 -0.01 23.64
C ARG A 515 2.34 0.40 22.72
N LEU A 516 2.33 -0.18 21.52
CA LEU A 516 3.33 0.07 20.47
C LEU A 516 3.58 1.54 20.28
N ARG A 517 4.84 1.93 20.54
CA ARG A 517 5.26 3.31 20.44
C ARG A 517 4.29 4.35 21.04
N VAL A 518 3.69 4.05 22.22
CA VAL A 518 2.75 5.02 22.82
C VAL A 518 3.38 6.40 23.03
N GLN A 519 4.58 6.42 23.63
CA GLN A 519 5.22 7.68 23.96
C GLN A 519 5.30 8.62 22.75
N MET A 520 5.89 8.16 21.67
CA MET A 520 5.98 8.99 20.48
C MET A 520 4.63 9.26 19.82
N CYS A 521 3.73 8.27 19.82
CA CYS A 521 2.47 8.49 19.19
C CYS A 521 1.55 9.43 19.94
N VAL A 522 1.72 9.60 21.27
CA VAL A 522 0.86 10.60 21.96
C VAL A 522 1.35 11.98 21.41
N PHE A 523 2.65 12.09 21.17
CA PHE A 523 3.17 13.32 20.61
C PHE A 523 2.61 13.61 19.22
N TRP A 524 2.70 12.64 18.31
CA TRP A 524 2.19 12.83 16.95
C TRP A 524 0.66 12.85 16.78
N ASN A 525 -0.06 12.11 17.61
CA ASN A 525 -1.51 12.08 17.42
C ASN A 525 -2.29 13.05 18.30
N GLN A 526 -1.73 13.45 19.44
CA GLN A 526 -2.45 14.39 20.30
C GLN A 526 -1.75 15.73 20.47
N PHE A 527 -0.50 15.76 20.95
CA PHE A 527 0.14 17.05 21.14
C PHE A 527 0.46 17.92 19.91
N LEU A 528 1.24 17.41 18.94
CA LEU A 528 1.59 18.25 17.79
C LEU A 528 0.35 18.82 17.06
N PRO A 529 -0.66 17.98 16.76
CA PRO A 529 -1.83 18.56 16.08
C PRO A 529 -2.46 19.72 16.91
N LYS A 530 -2.55 19.54 18.23
CA LYS A 530 -3.10 20.60 19.07
C LYS A 530 -2.19 21.84 18.92
N LEU A 531 -0.89 21.63 18.97
CA LEU A 531 0.08 22.69 18.81
C LEU A 531 -0.07 23.48 17.49
N LEU A 532 -0.16 22.76 16.37
CA LEU A 532 -0.28 23.43 15.07
C LEU A 532 -1.64 24.14 14.92
N ASN A 533 -2.69 23.63 15.56
CA ASN A 533 -4.03 24.23 15.52
C ASN A 533 -4.15 25.53 16.33
N ALA A 534 -3.37 25.66 17.40
CA ALA A 534 -3.46 26.83 18.24
C ALA A 534 -2.53 27.93 17.72
N THR A 535 -1.38 27.53 17.19
CA THR A 535 -0.38 28.49 16.67
C THR A 535 -0.38 28.59 15.14
C1 NAG B . -1.10 -17.22 -25.24
C2 NAG B . -0.99 -18.26 -26.37
C3 NAG B . 0.38 -18.95 -26.35
C4 NAG B . 1.50 -17.90 -26.44
C5 NAG B . 1.32 -16.76 -25.40
C6 NAG B . 2.31 -15.60 -25.64
C7 NAG B . -3.01 -19.24 -27.25
C8 NAG B . -3.76 -20.55 -27.47
N2 NAG B . -2.06 -19.24 -26.31
O3 NAG B . 0.49 -19.85 -27.46
O4 NAG B . 2.78 -18.53 -26.28
O5 NAG B . -0.05 -16.22 -25.45
O6 NAG B . 1.69 -14.37 -25.99
O7 NAG B . -3.28 -18.24 -27.95
C1 NAG C . -17.60 -10.66 17.26
C2 NAG C . -17.23 -10.66 18.75
C3 NAG C . -17.86 -11.87 19.46
C4 NAG C . -19.40 -11.91 19.19
C5 NAG C . -19.67 -11.85 17.68
C6 NAG C . -21.18 -11.77 17.40
C7 NAG C . -15.12 -9.56 19.23
C8 NAG C . -13.61 -9.70 19.37
N2 NAG C . -15.80 -10.67 18.94
O3 NAG C . -17.58 -11.77 20.85
O4 NAG C . -20.01 -13.07 19.76
O5 NAG C . -19.03 -10.69 17.10
O6 NAG C . -21.57 -10.58 16.69
O7 NAG C . -15.66 -8.44 19.37
C1 A1E D . 11.86 14.04 -9.00
C2 A1E D . 12.24 12.87 -8.10
C3 A1E D . 11.23 12.72 -6.91
C4 A1E D . 10.98 14.07 -6.20
C5 A1E D . 11.32 15.25 -6.84
C6 A1E D . 11.95 15.35 -8.21
C7 A1E D . 10.36 14.18 -4.83
C8 A1E D . 10.14 15.40 -4.22
C9 A1E D . 10.54 16.66 -4.98
N10 A1E D . 11.09 16.45 -6.21
O11 A1E D . 10.41 17.77 -4.57
N12 A1E D . 11.99 11.79 -6.03
C13 A1E D . 11.82 10.32 -6.25
C14 A1E D . 11.03 9.94 -5.03
C15 A1E D . 10.13 8.77 -5.31
C16 A1E D . 9.31 8.43 -4.07
C17 A1E D . 10.16 8.44 -2.80
C18 A1E D . 10.44 7.00 -2.42
C19 A1E D . 11.63 6.35 -3.16
C20 A1E D . 11.16 5.36 -4.22
C21 A1E D . 10.35 4.18 -3.67
C22 A1E D . 10.22 3.12 -4.77
N23 A1E D . 9.95 1.75 -4.35
C24 A1E D . 9.93 1.16 -3.06
C25 A1E D . 11.20 0.99 -2.32
C26 A1E D . 11.09 0.30 -1.06
N27 A1E D . 9.85 -0.19 -0.56
C28 A1E D . 8.71 -0.01 -1.23
C29 A1E D . 8.69 0.67 -2.52
C30 A1E D . 12.55 1.42 -2.68
C31 A1E D . 13.67 1.18 -1.87
C32 A1E D . 13.52 0.48 -0.63
C33 A1E D . 12.26 0.05 -0.23
C34 A1E D . 7.46 -0.60 -0.54
C35 A1E D . 6.28 -0.76 -1.53
C36 A1E D . 6.07 0.51 -2.35
C37 A1E D . 7.33 0.82 -3.23
#